data_9LX4
#
_entry.id   9LX4
#
_cell.length_a   57.350
_cell.length_b   58.295
_cell.length_c   67.318
_cell.angle_alpha   90.00
_cell.angle_beta   112.08
_cell.angle_gamma   90.00
#
_symmetry.space_group_name_H-M   'P 1 21 1'
#
loop_
_entity.id
_entity.type
_entity.pdbx_description
1 polymer ZZ4
2 non-polymer '4-(2-HYDROXYETHYL)-1-PIPERAZINE ETHANESULFONIC ACID'
3 water water
#
_entity_poly.entity_id   1
_entity_poly.type   'polypeptide(L)'
_entity_poly.pdbx_seq_one_letter_code
;SLLFLRLAALLASYALGASKLVIKRDGTVTLTTKDGEKYTVSQLAPGVAVVTSEKEPVVATARQLAPDELLLTTKDGRKL
RLRRLAPDELLLTSSDGQKARARVLDPDTLEATSSDGQKARARLSPGKAEIESEDGAKATLRYDPEDKTEVELDESRLEI
TALLLLIALRLGSLESS
;
_entity_poly.pdbx_strand_id   A,B
#
# COMPACT_ATOMS: atom_id res chain seq x y z
N SER A 1 -19.85 11.41 -18.27
CA SER A 1 -18.65 12.13 -18.72
C SER A 1 -17.39 11.40 -18.28
N LEU A 2 -16.29 11.70 -18.97
CA LEU A 2 -15.01 11.10 -18.62
C LEU A 2 -14.50 11.58 -17.27
N LEU A 3 -14.84 12.81 -16.88
CA LEU A 3 -14.30 13.37 -15.64
C LEU A 3 -14.89 12.69 -14.41
N PHE A 4 -16.22 12.50 -14.39
CA PHE A 4 -16.85 11.78 -13.28
C PHE A 4 -16.23 10.40 -13.12
N LEU A 5 -16.05 9.69 -14.23
CA LEU A 5 -15.56 8.32 -14.17
C LEU A 5 -14.13 8.30 -13.65
N ARG A 6 -13.31 9.28 -14.07
CA ARG A 6 -11.95 9.37 -13.58
C ARG A 6 -11.92 9.58 -12.08
N LEU A 7 -12.77 10.48 -11.59
CA LEU A 7 -12.82 10.75 -10.15
C LEU A 7 -13.31 9.53 -9.39
N ALA A 8 -14.34 8.85 -9.91
CA ALA A 8 -14.87 7.64 -9.28
C ALA A 8 -13.79 6.56 -9.20
N ALA A 9 -13.00 6.42 -10.27
CA ALA A 9 -11.92 5.45 -10.29
C ALA A 9 -10.83 5.77 -9.26
N LEU A 10 -10.47 7.04 -9.10
CA LEU A 10 -9.47 7.38 -8.09
C LEU A 10 -10.00 7.12 -6.68
N LEU A 11 -11.28 7.43 -6.45
CA LEU A 11 -11.89 7.15 -5.15
C LEU A 11 -11.92 5.64 -4.86
N ALA A 12 -12.29 4.84 -5.86
CA ALA A 12 -12.29 3.39 -5.67
C ALA A 12 -10.87 2.87 -5.46
N SER A 13 -9.88 3.48 -6.13
CA SER A 13 -8.49 3.10 -5.90
C SER A 13 -8.13 3.23 -4.42
N TYR A 14 -8.62 4.28 -3.77
CA TYR A 14 -8.40 4.36 -2.33
C TYR A 14 -9.21 3.30 -1.57
N ALA A 15 -10.51 3.20 -1.85
CA ALA A 15 -11.35 2.31 -1.04
C ALA A 15 -10.95 0.84 -1.17
N LEU A 16 -10.45 0.43 -2.33
CA LEU A 16 -10.06 -0.96 -2.56
C LEU A 16 -8.55 -1.20 -2.45
N GLY A 17 -7.78 -0.19 -2.08
CA GLY A 17 -6.34 -0.34 -2.03
C GLY A 17 -5.64 -0.68 -3.34
N ALA A 18 -6.02 -0.03 -4.43
CA ALA A 18 -5.38 -0.30 -5.71
C ALA A 18 -3.91 0.13 -5.70
N SER A 19 -3.08 -0.66 -6.37
CA SER A 19 -1.70 -0.28 -6.66
C SER A 19 -1.57 0.31 -8.05
N LYS A 20 -2.48 -0.01 -8.95
CA LYS A 20 -2.42 0.52 -10.31
C LYS A 20 -3.82 0.82 -10.79
N LEU A 21 -3.94 1.91 -11.54
CA LEU A 21 -5.17 2.30 -12.22
C LEU A 21 -4.82 2.60 -13.66
N VAL A 22 -5.55 2.00 -14.60
CA VAL A 22 -5.39 2.26 -16.03
C VAL A 22 -6.75 2.62 -16.61
N ILE A 23 -6.81 3.76 -17.28
CA ILE A 23 -7.97 4.15 -18.08
C ILE A 23 -7.49 4.24 -19.53
N LYS A 24 -8.11 3.46 -20.42
CA LYS A 24 -7.79 3.51 -21.84
C LYS A 24 -8.64 4.58 -22.53
N ARG A 25 -8.28 4.91 -23.78
CA ARG A 25 -9.01 5.98 -24.44
C ARG A 25 -10.45 5.58 -24.78
N ASP A 26 -10.72 4.29 -25.02
CA ASP A 26 -12.08 3.83 -25.25
C ASP A 26 -12.93 3.77 -23.99
N GLY A 27 -12.34 4.03 -22.82
CA GLY A 27 -13.08 4.20 -21.58
C GLY A 27 -12.91 3.08 -20.57
N THR A 28 -12.30 1.96 -20.93
CA THR A 28 -12.11 0.89 -19.96
C THR A 28 -11.28 1.37 -18.77
N VAL A 29 -11.80 1.14 -17.56
CA VAL A 29 -11.14 1.51 -16.33
C VAL A 29 -10.86 0.25 -15.53
N THR A 30 -9.57 -0.05 -15.32
CA THR A 30 -9.15 -1.22 -14.57
C THR A 30 -8.28 -0.82 -13.39
N LEU A 31 -8.59 -1.37 -12.21
CA LEU A 31 -7.80 -1.20 -11.01
C LEU A 31 -7.20 -2.53 -10.61
N THR A 32 -5.92 -2.50 -10.23
CA THR A 32 -5.21 -3.69 -9.78
C THR A 32 -4.63 -3.46 -8.39
N THR A 33 -4.85 -4.43 -7.48
CA THR A 33 -4.20 -4.38 -6.18
C THR A 33 -2.80 -4.99 -6.25
N LYS A 34 -2.00 -4.77 -5.21
CA LYS A 34 -0.58 -5.14 -5.29
C LYS A 34 -0.35 -6.64 -5.46
N ASP A 35 -1.34 -7.46 -5.09
CA ASP A 35 -1.24 -8.90 -5.27
C ASP A 35 -1.95 -9.39 -6.54
N GLY A 36 -2.50 -8.49 -7.36
CA GLY A 36 -3.05 -8.88 -8.63
C GLY A 36 -4.57 -8.96 -8.74
N GLU A 37 -5.33 -8.74 -7.67
CA GLU A 37 -6.78 -8.70 -7.82
C GLU A 37 -7.19 -7.53 -8.72
N LYS A 38 -8.06 -7.81 -9.69
CA LYS A 38 -8.55 -6.80 -10.62
C LYS A 38 -9.97 -6.38 -10.29
N TYR A 39 -10.25 -5.09 -10.48
CA TYR A 39 -11.58 -4.50 -10.44
C TYR A 39 -11.77 -3.69 -11.71
N THR A 40 -13.02 -3.48 -12.08
CA THR A 40 -13.38 -2.66 -13.22
C THR A 40 -14.34 -1.58 -12.75
N VAL A 41 -14.26 -0.42 -13.37
CA VAL A 41 -15.16 0.67 -13.02
C VAL A 41 -15.96 1.04 -14.26
N SER A 42 -17.30 1.08 -14.12
CA SER A 42 -18.20 1.32 -15.23
C SER A 42 -19.21 2.41 -14.86
N GLN A 43 -19.43 3.33 -15.79
CA GLN A 43 -20.44 4.37 -15.62
C GLN A 43 -21.82 3.82 -16.01
N LEU A 44 -22.73 3.79 -15.05
CA LEU A 44 -24.11 3.39 -15.30
C LEU A 44 -25.04 4.56 -15.57
N ALA A 45 -24.67 5.75 -15.11
CA ALA A 45 -25.58 6.88 -15.29
C ALA A 45 -24.75 8.15 -15.19
N PRO A 46 -25.28 9.29 -15.63
CA PRO A 46 -24.63 10.56 -15.26
C PRO A 46 -24.59 10.64 -13.74
N GLY A 47 -23.37 10.81 -13.23
CA GLY A 47 -23.16 10.81 -11.81
C GLY A 47 -23.34 9.49 -11.08
N VAL A 48 -23.30 8.36 -11.79
CA VAL A 48 -23.33 7.05 -11.11
C VAL A 48 -22.37 6.08 -11.79
N ALA A 49 -21.51 5.46 -10.98
CA ALA A 49 -20.58 4.43 -11.45
C ALA A 49 -20.52 3.30 -10.43
N VAL A 50 -20.18 2.10 -10.90
CA VAL A 50 -20.02 0.96 -10.00
C VAL A 50 -18.68 0.31 -10.21
N VAL A 51 -18.20 -0.32 -9.16
CA VAL A 51 -16.97 -1.07 -9.18
C VAL A 51 -17.33 -2.54 -9.11
N THR A 52 -16.80 -3.31 -10.05
CA THR A 52 -17.13 -4.71 -10.25
C THR A 52 -15.83 -5.51 -10.21
N SER A 53 -15.90 -6.67 -9.59
CA SER A 53 -14.87 -7.70 -9.69
C SER A 53 -15.50 -8.94 -10.29
N GLU A 54 -14.68 -9.96 -10.57
CA GLU A 54 -15.22 -11.16 -11.18
C GLU A 54 -16.08 -11.94 -10.18
N LYS A 55 -15.70 -11.95 -8.91
CA LYS A 55 -16.49 -12.65 -7.91
C LYS A 55 -17.71 -11.83 -7.44
N GLU A 56 -17.58 -10.51 -7.36
CA GLU A 56 -18.62 -9.65 -6.79
C GLU A 56 -19.09 -8.59 -7.79
N PRO A 57 -20.33 -8.66 -8.27
CA PRO A 57 -20.78 -7.71 -9.31
C PRO A 57 -20.68 -6.25 -8.92
N VAL A 58 -20.99 -5.88 -7.68
CA VAL A 58 -20.92 -4.48 -7.25
C VAL A 58 -20.24 -4.45 -5.87
N VAL A 59 -18.96 -4.10 -5.85
CA VAL A 59 -18.26 -3.96 -4.58
C VAL A 59 -18.34 -2.54 -4.03
N ALA A 60 -18.57 -1.53 -4.88
CA ALA A 60 -18.72 -0.15 -4.44
C ALA A 60 -19.51 0.62 -5.47
N THR A 61 -20.17 1.68 -5.01
CA THR A 61 -20.93 2.56 -5.89
C THR A 61 -20.51 3.99 -5.64
N ALA A 62 -20.35 4.76 -6.71
CA ALA A 62 -19.98 6.17 -6.61
C ALA A 62 -21.12 6.99 -7.18
N ARG A 63 -21.48 8.05 -6.47
CA ARG A 63 -22.58 8.91 -6.84
C ARG A 63 -22.19 10.37 -6.70
N GLN A 64 -22.55 11.14 -7.72
CA GLN A 64 -22.44 12.59 -7.68
C GLN A 64 -23.62 13.10 -6.87
N LEU A 65 -23.36 13.45 -5.60
CA LEU A 65 -24.41 13.99 -4.73
C LEU A 65 -24.81 15.38 -5.16
N ALA A 66 -23.84 16.16 -5.63
CA ALA A 66 -24.05 17.56 -5.98
C ALA A 66 -22.93 17.97 -6.92
N PRO A 67 -23.09 19.09 -7.64
CA PRO A 67 -22.02 19.54 -8.56
C PRO A 67 -20.62 19.55 -7.94
N ASP A 68 -20.49 19.79 -6.64
CA ASP A 68 -19.18 19.83 -6.02
C ASP A 68 -18.92 18.65 -5.08
N GLU A 69 -19.81 17.65 -5.03
CA GLU A 69 -19.67 16.62 -4.02
C GLU A 69 -19.94 15.24 -4.60
N LEU A 70 -18.98 14.34 -4.35
CA LEU A 70 -18.98 12.96 -4.82
C LEU A 70 -18.87 12.02 -3.63
N LEU A 71 -19.63 10.92 -3.65
CA LEU A 71 -19.63 9.98 -2.56
C LEU A 71 -19.42 8.58 -3.10
N LEU A 72 -18.48 7.85 -2.51
CA LEU A 72 -18.32 6.45 -2.83
C LEU A 72 -18.68 5.62 -1.60
N THR A 73 -19.52 4.62 -1.81
CA THR A 73 -19.96 3.69 -0.77
C THR A 73 -19.57 2.27 -1.17
N THR A 74 -18.88 1.58 -0.28
CA THR A 74 -18.58 0.19 -0.50
C THR A 74 -19.78 -0.67 -0.13
N LYS A 75 -19.70 -1.96 -0.52
CA LYS A 75 -20.79 -2.88 -0.25
C LYS A 75 -21.09 -2.95 1.24
N ASP A 76 -20.05 -2.99 2.09
CA ASP A 76 -20.23 -3.04 3.53
C ASP A 76 -20.63 -1.70 4.15
N GLY A 77 -20.74 -0.63 3.35
CA GLY A 77 -21.32 0.62 3.82
C GLY A 77 -20.36 1.73 4.22
N ARG A 78 -19.05 1.51 4.19
CA ARG A 78 -18.16 2.61 4.54
C ARG A 78 -18.05 3.62 3.39
N LYS A 79 -17.89 4.89 3.77
CA LYS A 79 -18.07 6.02 2.87
C LYS A 79 -16.79 6.84 2.72
N LEU A 80 -16.56 7.29 1.49
CA LEU A 80 -15.42 8.11 1.13
C LEU A 80 -15.96 9.31 0.36
N ARG A 81 -15.74 10.51 0.90
CA ARG A 81 -16.46 11.70 0.44
C ARG A 81 -15.48 12.71 -0.15
N LEU A 82 -15.77 13.16 -1.38
CA LEU A 82 -15.00 14.19 -2.06
C LEU A 82 -15.84 15.47 -2.07
N ARG A 83 -15.25 16.54 -1.54
CA ARG A 83 -15.86 17.86 -1.46
C ARG A 83 -14.89 18.85 -2.08
N ARG A 84 -15.29 19.44 -3.21
CA ARG A 84 -14.53 20.52 -3.84
C ARG A 84 -14.86 21.81 -3.12
N LEU A 85 -13.91 22.35 -2.37
CA LEU A 85 -14.12 23.58 -1.62
C LEU A 85 -13.92 24.82 -2.46
N ALA A 86 -13.15 24.72 -3.53
CA ALA A 86 -12.85 25.86 -4.39
C ALA A 86 -12.24 25.30 -5.67
N PRO A 87 -12.16 26.11 -6.75
CA PRO A 87 -11.54 25.61 -8.00
C PRO A 87 -10.14 25.07 -7.78
N ASP A 88 -9.47 25.53 -6.71
CA ASP A 88 -8.10 25.12 -6.41
C ASP A 88 -7.99 24.36 -5.09
N GLU A 89 -9.09 23.88 -4.51
CA GLU A 89 -8.94 23.20 -3.22
C GLU A 89 -10.06 22.18 -3.02
N LEU A 90 -9.70 21.01 -2.51
CA LEU A 90 -10.73 20.01 -2.22
C LEU A 90 -10.43 19.31 -0.90
N LEU A 91 -11.48 18.67 -0.36
CA LEU A 91 -11.42 17.90 0.87
C LEU A 91 -11.83 16.44 0.62
N LEU A 92 -11.03 15.51 1.12
CA LEU A 92 -11.34 14.08 1.03
C LEU A 92 -11.53 13.57 2.45
N THR A 93 -12.69 12.96 2.71
CA THR A 93 -13.04 12.42 4.03
C THR A 93 -13.35 10.94 3.89
N SER A 94 -12.72 10.10 4.71
CA SER A 94 -13.01 8.67 4.75
C SER A 94 -14.00 8.36 5.86
N SER A 95 -14.50 7.12 5.87
CA SER A 95 -15.55 6.77 6.83
C SER A 95 -15.04 6.65 8.27
N ASP A 96 -13.74 6.40 8.45
CA ASP A 96 -13.13 6.41 9.78
C ASP A 96 -12.86 7.81 10.32
N GLY A 97 -13.13 8.86 9.54
CA GLY A 97 -13.05 10.21 10.02
C GLY A 97 -11.79 10.95 9.64
N GLN A 98 -10.80 10.29 9.05
CA GLN A 98 -9.61 11.01 8.60
C GLN A 98 -9.92 11.89 7.40
N LYS A 99 -9.18 12.99 7.28
CA LYS A 99 -9.39 13.93 6.20
C LYS A 99 -8.06 14.35 5.60
N ALA A 100 -8.13 14.79 4.35
CA ALA A 100 -7.00 15.37 3.63
C ALA A 100 -7.52 16.52 2.79
N ARG A 101 -6.88 17.68 2.91
CA ARG A 101 -7.16 18.87 2.13
C ARG A 101 -6.06 19.08 1.09
N ALA A 102 -6.44 19.19 -0.18
CA ALA A 102 -5.47 19.41 -1.26
C ALA A 102 -5.65 20.79 -1.85
N ARG A 103 -4.53 21.42 -2.21
CA ARG A 103 -4.63 22.72 -2.84
C ARG A 103 -3.47 22.97 -3.80
N VAL A 104 -3.75 23.84 -4.76
CA VAL A 104 -2.75 24.30 -5.71
C VAL A 104 -1.86 25.32 -5.01
N LEU A 105 -0.55 25.10 -5.07
CA LEU A 105 0.38 26.10 -4.56
C LEU A 105 0.82 27.06 -5.65
N ASP A 106 1.16 26.55 -6.83
CA ASP A 106 1.52 27.42 -7.95
C ASP A 106 1.25 26.63 -9.22
N PRO A 107 1.39 27.26 -10.40
CA PRO A 107 0.98 26.58 -11.65
C PRO A 107 1.45 25.14 -11.82
N ASP A 108 2.58 24.74 -11.21
CA ASP A 108 3.08 23.38 -11.37
C ASP A 108 3.21 22.63 -10.04
N THR A 109 2.68 23.16 -8.93
CA THR A 109 2.87 22.53 -7.64
C THR A 109 1.55 22.52 -6.87
N LEU A 110 1.25 21.36 -6.27
CA LEU A 110 0.06 21.18 -5.42
C LEU A 110 0.51 20.60 -4.10
N GLU A 111 -0.23 20.91 -3.02
CA GLU A 111 0.13 20.38 -1.71
C GLU A 111 -1.12 19.89 -0.97
N ALA A 112 -0.94 18.81 -0.20
CA ALA A 112 -2.02 18.25 0.60
C ALA A 112 -1.57 18.03 2.03
N THR A 113 -2.51 18.18 2.96
CA THR A 113 -2.32 18.01 4.40
C THR A 113 -3.38 17.06 4.93
N SER A 114 -2.98 16.12 5.79
CA SER A 114 -3.93 15.21 6.39
C SER A 114 -4.26 15.63 7.83
N SER A 115 -5.18 14.89 8.43
CA SER A 115 -5.69 15.23 9.77
C SER A 115 -4.59 15.17 10.82
N ASP A 116 -3.71 14.18 10.74
CA ASP A 116 -2.62 14.01 11.70
C ASP A 116 -1.40 14.89 11.40
N GLY A 117 -1.47 15.75 10.40
CA GLY A 117 -0.38 16.65 10.09
C GLY A 117 0.55 16.21 8.99
N GLN A 118 0.37 15.00 8.45
CA GLN A 118 1.22 14.56 7.34
C GLN A 118 0.99 15.43 6.11
N LYS A 119 2.04 15.63 5.33
CA LYS A 119 1.96 16.46 4.13
C LYS A 119 2.45 15.69 2.91
N ALA A 120 1.93 16.07 1.74
CA ALA A 120 2.41 15.54 0.48
C ALA A 120 2.42 16.64 -0.57
N ARG A 121 3.27 16.48 -1.57
CA ARG A 121 3.35 17.48 -2.63
C ARG A 121 3.35 16.80 -3.99
N ALA A 122 2.72 17.45 -4.96
CA ALA A 122 2.66 16.99 -6.33
C ALA A 122 3.36 18.01 -7.24
N ARG A 123 4.19 17.51 -8.14
CA ARG A 123 4.93 18.33 -9.09
CA ARG A 123 4.92 18.33 -9.10
C ARG A 123 4.50 17.94 -10.50
N LEU A 124 3.99 18.91 -11.25
CA LEU A 124 3.42 18.71 -12.56
C LEU A 124 4.44 19.03 -13.63
N SER A 125 4.47 18.20 -14.66
CA SER A 125 5.25 18.46 -15.85
C SER A 125 4.36 18.09 -17.02
N PRO A 126 4.67 18.54 -18.25
CA PRO A 126 3.82 18.16 -19.39
C PRO A 126 3.63 16.65 -19.51
N GLY A 127 2.38 16.22 -19.50
CA GLY A 127 2.08 14.81 -19.61
C GLY A 127 2.21 14.02 -18.32
N LYS A 128 2.51 14.66 -17.19
CA LYS A 128 2.77 13.82 -16.02
C LYS A 128 2.65 14.61 -14.72
N ALA A 129 2.40 13.86 -13.65
CA ALA A 129 2.47 14.40 -12.29
C ALA A 129 3.18 13.40 -11.39
N GLU A 130 4.03 13.90 -10.50
CA GLU A 130 4.74 13.07 -9.56
C GLU A 130 4.36 13.49 -8.16
N ILE A 131 3.89 12.56 -7.34
CA ILE A 131 3.37 12.87 -6.01
C ILE A 131 4.26 12.18 -5.00
N GLU A 132 4.66 12.91 -3.97
CA GLU A 132 5.51 12.34 -2.94
C GLU A 132 5.16 12.93 -1.58
N SER A 133 5.19 12.10 -0.55
CA SER A 133 5.07 12.63 0.79
C SER A 133 6.46 12.78 1.40
N GLU A 134 6.50 13.27 2.63
CA GLU A 134 7.67 13.06 3.48
C GLU A 134 7.63 11.66 4.12
N ASP A 135 6.44 11.07 4.24
CA ASP A 135 6.18 9.70 4.68
C ASP A 135 6.66 8.65 3.67
N GLY A 136 7.19 9.04 2.52
CA GLY A 136 7.83 8.13 1.59
C GLY A 136 6.94 7.49 0.57
N ALA A 137 5.63 7.59 0.75
CA ALA A 137 4.72 7.10 -0.27
C ALA A 137 4.85 7.97 -1.51
N LYS A 138 4.72 7.33 -2.68
CA LYS A 138 4.85 8.01 -3.96
C LYS A 138 3.67 7.60 -4.84
N ALA A 139 3.34 8.46 -5.79
CA ALA A 139 2.40 8.08 -6.83
C ALA A 139 2.79 8.80 -8.11
N THR A 140 2.47 8.19 -9.24
CA THR A 140 2.78 8.78 -10.54
C THR A 140 1.56 8.75 -11.44
N LEU A 141 1.25 9.89 -12.06
CA LEU A 141 0.19 9.96 -13.05
C LEU A 141 0.82 10.27 -14.41
N ARG A 142 0.49 9.46 -15.41
CA ARG A 142 0.96 9.67 -16.79
C ARG A 142 -0.27 9.74 -17.69
N TYR A 143 -0.37 10.81 -18.47
CA TYR A 143 -1.46 10.95 -19.42
C TYR A 143 -0.94 11.21 -20.83
N ASP A 144 0.36 11.04 -21.05
CA ASP A 144 0.94 11.16 -22.37
C ASP A 144 1.35 9.78 -22.86
N PRO A 145 0.96 9.37 -24.08
CA PRO A 145 1.04 8.00 -24.58
C PRO A 145 1.15 6.90 -23.51
N LYS A 148 -5.04 6.61 -22.14
CA LYS A 148 -5.63 7.86 -21.68
C LYS A 148 -4.97 8.33 -20.41
N THR A 149 -4.97 7.49 -19.37
CA THR A 149 -4.30 7.85 -18.14
C THR A 149 -3.90 6.59 -17.38
N GLU A 150 -2.77 6.67 -16.71
CA GLU A 150 -2.32 5.60 -15.82
C GLU A 150 -1.81 6.24 -14.53
N VAL A 151 -2.13 5.60 -13.42
CA VAL A 151 -1.65 6.00 -12.11
C VAL A 151 -1.03 4.78 -11.44
N GLU A 152 0.22 4.92 -11.00
CA GLU A 152 0.87 3.89 -10.22
C GLU A 152 1.08 4.40 -8.79
N LEU A 153 0.59 3.63 -7.82
CA LEU A 153 0.66 3.96 -6.40
C LEU A 153 1.66 3.03 -5.73
N ASP A 154 2.62 3.62 -5.02
CA ASP A 154 3.47 2.84 -4.13
C ASP A 154 2.71 2.39 -2.88
N GLU A 155 1.84 3.26 -2.35
CA GLU A 155 1.00 2.93 -1.20
C GLU A 155 -0.34 3.65 -1.32
N SER A 156 -1.24 3.35 -0.39
CA SER A 156 -2.57 3.96 -0.34
C SER A 156 -2.61 4.98 0.81
N ARG A 157 -2.31 6.23 0.49
CA ARG A 157 -2.44 7.34 1.43
C ARG A 157 -3.63 8.18 0.99
N LEU A 158 -4.38 8.67 1.98
CA LEU A 158 -5.51 9.53 1.71
C LEU A 158 -5.10 10.84 1.04
N GLU A 159 -4.01 11.47 1.48
CA GLU A 159 -3.69 12.76 0.88
C GLU A 159 -3.10 12.63 -0.51
N ILE A 160 -2.37 11.55 -0.78
CA ILE A 160 -1.92 11.29 -2.14
C ILE A 160 -3.12 11.17 -3.07
N THR A 161 -4.16 10.47 -2.60
CA THR A 161 -5.39 10.34 -3.37
C THR A 161 -6.04 11.69 -3.56
N ALA A 162 -6.07 12.52 -2.51
CA ALA A 162 -6.66 13.86 -2.65
C ALA A 162 -5.93 14.71 -3.71
N LEU A 163 -4.60 14.62 -3.76
CA LEU A 163 -3.85 15.35 -4.78
C LEU A 163 -4.16 14.83 -6.18
N LEU A 164 -4.25 13.50 -6.33
CA LEU A 164 -4.61 12.95 -7.63
C LEU A 164 -5.98 13.43 -8.06
N LEU A 165 -6.93 13.49 -7.13
CA LEU A 165 -8.27 13.97 -7.45
C LEU A 165 -8.25 15.44 -7.85
N LEU A 166 -7.47 16.26 -7.14
CA LEU A 166 -7.35 17.66 -7.54
C LEU A 166 -6.74 17.81 -8.92
N ILE A 167 -5.69 17.02 -9.22
CA ILE A 167 -5.08 17.05 -10.54
C ILE A 167 -6.07 16.66 -11.62
N ALA A 168 -6.84 15.57 -11.38
CA ALA A 168 -7.83 15.14 -12.36
C ALA A 168 -8.86 16.22 -12.57
N LEU A 169 -9.28 16.87 -11.49
CA LEU A 169 -10.28 17.92 -11.60
C LEU A 169 -9.74 19.10 -12.39
N ARG A 170 -8.44 19.35 -12.31
CA ARG A 170 -7.89 20.47 -13.06
C ARG A 170 -7.52 20.11 -14.50
N LEU A 171 -7.24 18.84 -14.79
CA LEU A 171 -6.92 18.45 -16.16
C LEU A 171 -8.14 18.48 -17.07
N GLY A 172 -9.32 18.16 -16.56
CA GLY A 172 -10.51 18.16 -17.39
C GLY A 172 -10.40 17.13 -18.51
N SER A 173 -10.57 17.57 -19.75
CA SER A 173 -10.58 16.67 -20.91
C SER A 173 -9.18 16.42 -21.47
N LEU A 174 -8.14 17.00 -20.86
CA LEU A 174 -6.76 16.73 -21.25
C LEU A 174 -6.36 15.27 -21.07
N GLU A 175 -7.20 14.47 -20.40
CA GLU A 175 -6.92 13.06 -20.14
C GLU A 175 -7.75 12.12 -21.01
N SER A 176 -8.36 12.64 -22.08
CA SER A 176 -9.27 11.84 -22.90
C SER A 176 -8.58 10.69 -23.66
N SER A 177 -7.33 10.86 -24.07
CA SER A 177 -6.71 9.89 -24.98
C SER A 177 -5.39 9.31 -24.48
N SER B 1 7.23 -24.15 12.98
CA SER B 1 7.66 -23.41 14.15
C SER B 1 7.05 -22.00 14.10
N LEU B 2 7.00 -21.34 15.26
CA LEU B 2 6.46 -19.99 15.31
C LEU B 2 7.30 -19.03 14.49
N LEU B 3 8.61 -19.30 14.39
CA LEU B 3 9.51 -18.40 13.67
C LEU B 3 9.25 -18.43 12.17
N PHE B 4 9.08 -19.63 11.62
CA PHE B 4 8.75 -19.75 10.21
C PHE B 4 7.50 -18.91 9.89
N LEU B 5 6.47 -19.02 10.74
CA LEU B 5 5.22 -18.31 10.48
C LEU B 5 5.40 -16.80 10.62
N ARG B 6 6.18 -16.36 11.60
CA ARG B 6 6.44 -14.94 11.78
C ARG B 6 7.17 -14.34 10.56
N LEU B 7 8.15 -15.07 10.03
CA LEU B 7 8.86 -14.61 8.83
C LEU B 7 7.97 -14.62 7.59
N ALA B 8 7.16 -15.69 7.43
CA ALA B 8 6.19 -15.72 6.34
C ALA B 8 5.20 -14.58 6.42
N ALA B 9 4.79 -14.22 7.64
CA ALA B 9 3.88 -13.10 7.82
C ALA B 9 4.54 -11.77 7.42
N LEU B 10 5.81 -11.57 7.77
CA LEU B 10 6.49 -10.32 7.37
C LEU B 10 6.67 -10.24 5.86
N LEU B 11 6.99 -11.37 5.22
CA LEU B 11 7.04 -11.36 3.76
C LEU B 11 5.68 -11.05 3.16
N ALA B 12 4.61 -11.66 3.69
CA ALA B 12 3.28 -11.36 3.18
C ALA B 12 2.92 -9.90 3.40
N SER B 13 3.37 -9.32 4.52
CA SER B 13 3.10 -7.90 4.75
C SER B 13 3.70 -7.08 3.62
N TYR B 14 4.87 -7.48 3.12
CA TYR B 14 5.40 -6.77 1.95
C TYR B 14 4.54 -7.02 0.72
N ALA B 15 4.25 -8.28 0.40
CA ALA B 15 3.58 -8.60 -0.85
C ALA B 15 2.17 -8.02 -0.90
N LEU B 16 1.50 -7.90 0.24
CA LEU B 16 0.14 -7.38 0.26
C LEU B 16 0.07 -5.89 0.58
N GLY B 17 1.20 -5.23 0.83
CA GLY B 17 1.14 -3.85 1.25
C GLY B 17 0.34 -3.69 2.53
N ALA B 18 0.62 -4.55 3.51
CA ALA B 18 -0.11 -4.52 4.76
C ALA B 18 0.16 -3.24 5.53
N SER B 19 -0.87 -2.77 6.23
CA SER B 19 -0.71 -1.67 7.17
C SER B 19 -0.47 -2.14 8.60
N LYS B 20 -0.94 -3.33 8.98
CA LYS B 20 -0.71 -3.83 10.33
C LYS B 20 -0.52 -5.34 10.34
N LEU B 21 0.36 -5.82 11.23
CA LEU B 21 0.57 -7.25 11.44
C LEU B 21 0.48 -7.52 12.93
N VAL B 22 -0.34 -8.50 13.32
CA VAL B 22 -0.47 -8.88 14.72
C VAL B 22 -0.29 -10.37 14.83
N ILE B 23 0.66 -10.80 15.66
CA ILE B 23 0.83 -12.19 16.03
C ILE B 23 0.47 -12.30 17.51
N LYS B 24 -0.56 -13.07 17.81
CA LYS B 24 -1.03 -13.22 19.19
C LYS B 24 -0.22 -14.28 19.92
N ARG B 25 -0.42 -14.35 21.25
CA ARG B 25 0.35 -15.27 22.05
C ARG B 25 0.02 -16.72 21.71
N ASP B 26 -1.22 -17.01 21.32
CA ASP B 26 -1.58 -18.35 20.91
C ASP B 26 -1.11 -18.67 19.48
N GLY B 27 -0.57 -17.68 18.75
CA GLY B 27 0.04 -17.93 17.47
C GLY B 27 -0.75 -17.42 16.28
N THR B 28 -1.99 -17.00 16.47
CA THR B 28 -2.79 -16.49 15.35
C THR B 28 -2.10 -15.29 14.71
N VAL B 29 -1.95 -15.34 13.39
CA VAL B 29 -1.28 -14.28 12.63
C VAL B 29 -2.32 -13.60 11.75
N THR B 30 -2.59 -12.32 12.01
CA THR B 30 -3.54 -11.52 11.24
C THR B 30 -2.86 -10.28 10.64
N LEU B 31 -3.04 -10.09 9.34
CA LEU B 31 -2.56 -8.94 8.61
C LEU B 31 -3.72 -8.08 8.14
N THR B 32 -3.58 -6.77 8.25
CA THR B 32 -4.61 -5.84 7.83
C THR B 32 -4.02 -4.93 6.78
N THR B 33 -4.70 -4.83 5.63
CA THR B 33 -4.31 -3.90 4.57
C THR B 33 -4.94 -2.54 4.78
N LYS B 34 -4.45 -1.57 4.02
CA LYS B 34 -4.84 -0.17 4.22
C LYS B 34 -6.33 0.05 4.01
N ASP B 35 -6.99 -0.85 3.28
CA ASP B 35 -8.43 -0.75 3.07
C ASP B 35 -9.26 -1.55 4.06
N GLY B 36 -8.62 -2.26 5.00
CA GLY B 36 -9.32 -2.94 6.07
C GLY B 36 -9.51 -4.43 5.90
N GLU B 37 -9.15 -4.98 4.73
CA GLU B 37 -9.23 -6.42 4.53
C GLU B 37 -8.31 -7.15 5.49
N LYS B 38 -8.81 -8.20 6.12
CA LYS B 38 -8.02 -8.97 7.07
C LYS B 38 -7.60 -10.30 6.45
N TYR B 39 -6.35 -10.68 6.69
CA TYR B 39 -5.78 -11.93 6.22
C TYR B 39 -5.18 -12.67 7.39
N THR B 40 -5.06 -13.98 7.25
CA THR B 40 -4.37 -14.79 8.24
C THR B 40 -3.29 -15.59 7.54
N VAL B 41 -2.25 -15.91 8.28
CA VAL B 41 -1.17 -16.75 7.76
C VAL B 41 -1.17 -18.01 8.59
N SER B 42 -1.29 -19.15 7.93
CA SER B 42 -1.46 -20.39 8.65
C SER B 42 -0.56 -21.46 8.08
N GLN B 43 0.09 -22.21 8.96
CA GLN B 43 0.95 -23.31 8.55
C GLN B 43 0.09 -24.51 8.13
N LEU B 44 0.23 -24.94 6.88
CA LEU B 44 -0.45 -26.14 6.40
C LEU B 44 0.41 -27.37 6.56
N ALA B 45 1.72 -27.21 6.61
CA ALA B 45 2.64 -28.34 6.74
C ALA B 45 3.95 -27.79 7.30
N PRO B 46 4.84 -28.66 7.78
CA PRO B 46 6.17 -28.16 8.18
C PRO B 46 6.84 -27.38 7.04
N GLY B 47 7.21 -26.12 7.31
CA GLY B 47 7.84 -25.32 6.29
C GLY B 47 6.95 -24.97 5.12
N VAL B 48 5.63 -25.05 5.29
CA VAL B 48 4.68 -24.64 4.27
C VAL B 48 3.53 -23.88 4.93
N ALA B 49 3.24 -22.68 4.39
CA ALA B 49 2.22 -21.77 4.88
C ALA B 49 1.41 -21.17 3.74
N VAL B 50 0.20 -20.72 4.06
CA VAL B 50 -0.68 -20.09 3.10
C VAL B 50 -1.23 -18.81 3.70
N VAL B 51 -1.51 -17.83 2.85
CA VAL B 51 -2.07 -16.54 3.24
C VAL B 51 -3.50 -16.49 2.72
N THR B 52 -4.45 -16.27 3.61
CA THR B 52 -5.87 -16.40 3.31
C THR B 52 -6.63 -15.17 3.72
N SER B 53 -7.56 -14.75 2.86
CA SER B 53 -8.62 -13.81 3.23
C SER B 53 -9.96 -14.43 2.87
N GLU B 54 -11.04 -13.77 3.29
CA GLU B 54 -12.37 -14.32 2.99
C GLU B 54 -12.70 -14.14 1.52
N LYS B 55 -12.31 -13.00 0.94
CA LYS B 55 -12.60 -12.75 -0.48
C LYS B 55 -11.64 -13.52 -1.39
N GLU B 56 -10.37 -13.62 -1.00
CA GLU B 56 -9.37 -14.31 -1.81
C GLU B 56 -8.79 -15.42 -0.95
N PRO B 57 -9.23 -16.67 -1.16
CA PRO B 57 -8.84 -17.74 -0.22
C PRO B 57 -7.35 -18.02 -0.18
N VAL B 58 -6.68 -17.97 -1.33
CA VAL B 58 -5.24 -18.26 -1.41
C VAL B 58 -4.62 -17.08 -2.13
N VAL B 59 -4.13 -16.10 -1.37
CA VAL B 59 -3.48 -14.98 -2.00
C VAL B 59 -1.99 -15.21 -2.15
N ALA B 60 -1.38 -16.03 -1.28
CA ALA B 60 0.05 -16.33 -1.38
C ALA B 60 0.36 -17.62 -0.64
N THR B 61 1.49 -18.24 -0.99
CA THR B 61 2.02 -19.38 -0.25
C THR B 61 3.48 -19.13 0.08
N ALA B 62 3.91 -19.61 1.23
CA ALA B 62 5.30 -19.51 1.67
C ALA B 62 5.89 -20.89 1.92
N ARG B 63 7.15 -21.07 1.55
CA ARG B 63 7.83 -22.34 1.69
C ARG B 63 9.23 -22.10 2.24
N GLN B 64 9.64 -22.96 3.15
CA GLN B 64 11.04 -22.98 3.60
C GLN B 64 11.83 -23.80 2.60
N LEU B 65 12.56 -23.14 1.71
CA LEU B 65 13.37 -23.87 0.74
C LEU B 65 14.54 -24.54 1.42
N ALA B 66 15.10 -23.90 2.43
CA ALA B 66 16.29 -24.41 3.05
C ALA B 66 16.41 -23.76 4.42
N PRO B 67 17.27 -24.29 5.30
CA PRO B 67 17.47 -23.63 6.61
C PRO B 67 17.69 -22.13 6.52
N ASP B 68 18.34 -21.63 5.47
CA ASP B 68 18.63 -20.21 5.36
C ASP B 68 17.79 -19.50 4.31
N GLU B 69 16.81 -20.19 3.72
CA GLU B 69 16.14 -19.60 2.56
C GLU B 69 14.64 -19.84 2.61
N LEU B 70 13.89 -18.75 2.46
CA LEU B 70 12.43 -18.77 2.50
C LEU B 70 11.92 -18.13 1.22
N LEU B 71 10.86 -18.69 0.64
CA LEU B 71 10.30 -18.17 -0.61
C LEU B 71 8.81 -17.94 -0.45
N LEU B 72 8.35 -16.75 -0.85
CA LEU B 72 6.92 -16.46 -0.92
C LEU B 72 6.55 -16.20 -2.37
N THR B 73 5.49 -16.87 -2.83
CA THR B 73 4.96 -16.73 -4.19
C THR B 73 3.51 -16.25 -4.10
N THR B 74 3.18 -15.17 -4.79
CA THR B 74 1.77 -14.79 -4.83
C THR B 74 1.03 -15.58 -5.92
N LYS B 75 -0.29 -15.51 -5.88
CA LYS B 75 -1.12 -16.24 -6.84
C LYS B 75 -0.79 -15.84 -8.27
N ASP B 76 -0.58 -14.55 -8.51
CA ASP B 76 -0.27 -14.06 -9.85
C ASP B 76 1.16 -14.33 -10.29
N GLY B 77 1.98 -15.00 -9.47
CA GLY B 77 3.30 -15.44 -9.88
C GLY B 77 4.48 -14.61 -9.40
N ARG B 78 4.26 -13.53 -8.66
CA ARG B 78 5.38 -12.74 -8.15
C ARG B 78 6.11 -13.49 -7.03
N LYS B 79 7.43 -13.31 -6.98
CA LYS B 79 8.28 -14.06 -6.07
C LYS B 79 9.03 -13.09 -5.15
N LEU B 80 9.13 -13.46 -3.87
CA LEU B 80 9.83 -12.71 -2.84
C LEU B 80 10.71 -13.70 -2.11
N ARG B 81 12.01 -13.51 -2.17
CA ARG B 81 12.97 -14.52 -1.72
C ARG B 81 13.82 -13.94 -0.60
N LEU B 82 13.87 -14.66 0.52
CA LEU B 82 14.67 -14.29 1.69
C LEU B 82 15.88 -15.23 1.74
N ARG B 83 17.07 -14.64 1.77
CA ARG B 83 18.34 -15.37 1.83
C ARG B 83 19.11 -14.86 3.05
N ARG B 84 19.27 -15.66 4.08
CA ARG B 84 20.11 -15.24 5.19
C ARG B 84 21.56 -15.51 4.85
N LEU B 85 22.34 -14.44 4.59
CA LEU B 85 23.74 -14.56 4.21
C LEU B 85 24.65 -14.74 5.42
N ALA B 86 24.23 -14.25 6.58
CA ALA B 86 25.05 -14.29 7.79
C ALA B 86 24.14 -13.96 8.97
N PRO B 87 24.55 -14.30 10.20
CA PRO B 87 23.69 -13.99 11.35
C PRO B 87 23.39 -12.50 11.46
N ASP B 88 24.20 -11.66 10.83
CA ASP B 88 24.05 -10.22 10.87
C ASP B 88 23.71 -9.63 9.50
N GLU B 89 23.35 -10.47 8.53
CA GLU B 89 23.12 -9.96 7.18
C GLU B 89 22.12 -10.84 6.44
N LEU B 90 21.15 -10.19 5.79
CA LEU B 90 20.25 -10.95 4.93
C LEU B 90 19.98 -10.19 3.64
N LEU B 91 19.59 -10.96 2.62
CA LEU B 91 19.20 -10.44 1.32
C LEU B 91 17.74 -10.76 1.10
N LEU B 92 16.96 -9.75 0.71
CA LEU B 92 15.57 -9.89 0.33
C LEU B 92 15.46 -9.46 -1.13
N THR B 93 15.01 -10.37 -2.00
CA THR B 93 14.93 -10.10 -3.44
C THR B 93 13.52 -10.36 -3.96
N SER B 94 13.00 -9.44 -4.75
CA SER B 94 11.75 -9.69 -5.45
C SER B 94 12.02 -10.09 -6.89
N SER B 95 10.99 -10.69 -7.51
CA SER B 95 11.11 -11.19 -8.88
C SER B 95 11.09 -10.08 -9.91
N ASP B 96 10.52 -8.92 -9.55
CA ASP B 96 10.61 -7.76 -10.40
C ASP B 96 11.99 -7.10 -10.38
N GLY B 97 12.92 -7.61 -9.58
CA GLY B 97 14.31 -7.21 -9.63
C GLY B 97 14.80 -6.30 -8.51
N GLN B 98 13.92 -5.74 -7.69
CA GLN B 98 14.41 -4.99 -6.55
C GLN B 98 15.07 -5.95 -5.55
N LYS B 99 16.09 -5.44 -4.87
CA LYS B 99 16.81 -6.19 -3.86
C LYS B 99 17.11 -5.26 -2.70
N ALA B 100 17.22 -5.83 -1.51
CA ALA B 100 17.60 -5.12 -0.31
C ALA B 100 18.44 -6.01 0.59
N ARG B 101 19.60 -5.51 0.99
CA ARG B 101 20.48 -6.18 1.94
C ARG B 101 20.36 -5.46 3.26
N ALA B 102 20.08 -6.20 4.33
CA ALA B 102 19.99 -5.64 5.67
C ALA B 102 21.17 -6.13 6.50
N ARG B 103 21.69 -5.26 7.35
CA ARG B 103 22.76 -5.71 8.22
C ARG B 103 22.72 -4.98 9.54
N VAL B 104 23.26 -5.61 10.55
CA VAL B 104 23.39 -5.01 11.86
C VAL B 104 24.58 -4.06 11.81
N LEU B 105 24.37 -2.81 12.24
CA LEU B 105 25.47 -1.86 12.42
C LEU B 105 26.04 -1.96 13.82
N ASP B 106 25.17 -2.06 14.82
CA ASP B 106 25.58 -2.22 16.20
C ASP B 106 24.43 -2.83 16.98
N PRO B 107 24.63 -3.21 18.25
CA PRO B 107 23.55 -3.89 19.00
C PRO B 107 22.19 -3.23 18.91
N ASP B 108 22.15 -1.92 18.68
CA ASP B 108 20.95 -1.09 18.72
C ASP B 108 20.55 -0.54 17.37
N THR B 109 21.32 -0.81 16.32
CA THR B 109 21.08 -0.16 15.04
C THR B 109 21.31 -1.14 13.89
N LEU B 110 20.39 -1.10 12.95
CA LEU B 110 20.49 -1.89 11.74
C LEU B 110 20.30 -0.97 10.54
N GLU B 111 20.85 -1.38 9.41
CA GLU B 111 20.76 -0.59 8.20
C GLU B 111 20.45 -1.50 7.02
N ALA B 112 19.68 -1.00 6.08
CA ALA B 112 19.39 -1.73 4.86
C ALA B 112 19.59 -0.84 3.66
N THR B 113 20.04 -1.44 2.58
CA THR B 113 20.31 -0.74 1.34
C THR B 113 19.65 -1.48 0.19
N SER B 114 19.00 -0.74 -0.69
CA SER B 114 18.37 -1.36 -1.83
C SER B 114 19.25 -1.27 -3.08
N SER B 115 18.81 -1.92 -4.15
CA SER B 115 19.60 -1.97 -5.39
C SER B 115 19.77 -0.59 -5.98
N ASP B 116 18.75 0.28 -5.86
CA ASP B 116 18.86 1.66 -6.36
C ASP B 116 19.58 2.58 -5.38
N GLY B 117 20.10 2.07 -4.27
CA GLY B 117 20.93 2.84 -3.37
C GLY B 117 20.24 3.51 -2.22
N GLN B 118 18.90 3.45 -2.16
CA GLN B 118 18.18 4.02 -1.04
C GLN B 118 18.49 3.26 0.25
N LYS B 119 18.40 3.96 1.38
CA LYS B 119 18.76 3.39 2.66
C LYS B 119 17.61 3.49 3.66
N ALA B 120 17.60 2.55 4.61
CA ALA B 120 16.68 2.59 5.74
C ALA B 120 17.44 2.18 6.98
N ARG B 121 16.97 2.66 8.13
CA ARG B 121 17.62 2.40 9.41
C ARG B 121 16.59 1.96 10.44
N ALA B 122 17.01 1.05 11.33
CA ALA B 122 16.19 0.60 12.44
C ALA B 122 16.92 0.90 13.73
N ARG B 123 16.22 1.53 14.67
CA ARG B 123 16.72 1.80 16.01
C ARG B 123 15.92 0.97 17.00
N LEU B 124 16.62 0.13 17.75
CA LEU B 124 15.97 -0.72 18.74
C LEU B 124 15.99 -0.02 20.09
N SER B 125 14.88 -0.15 20.80
CA SER B 125 14.65 0.32 22.15
C SER B 125 14.02 -0.84 22.92
N PRO B 126 14.02 -0.79 24.26
CA PRO B 126 13.39 -1.89 25.01
C PRO B 126 11.98 -2.22 24.54
N GLY B 127 11.77 -3.43 24.09
CA GLY B 127 10.47 -3.87 23.64
C GLY B 127 10.05 -3.39 22.26
N LYS B 128 10.92 -2.69 21.51
CA LYS B 128 10.43 -2.11 20.27
C LYS B 128 11.57 -1.83 19.30
N ALA B 129 11.19 -1.69 18.03
CA ALA B 129 12.08 -1.26 16.96
C ALA B 129 11.38 -0.20 16.13
N GLU B 130 12.10 0.86 15.79
CA GLU B 130 11.58 1.97 15.00
C GLU B 130 12.39 2.04 13.71
N ILE B 131 11.69 2.00 12.58
CA ILE B 131 12.33 1.94 11.27
C ILE B 131 11.90 3.14 10.45
N GLU B 132 12.87 3.75 9.78
CA GLU B 132 12.64 4.86 8.86
C GLU B 132 13.50 4.69 7.62
N SER B 133 12.92 4.93 6.45
CA SER B 133 13.66 4.91 5.20
C SER B 133 13.97 6.33 4.74
N GLU B 134 14.78 6.42 3.69
CA GLU B 134 15.14 7.73 3.16
C GLU B 134 13.98 8.38 2.42
N ASP B 135 13.08 7.59 1.84
CA ASP B 135 11.88 8.24 1.33
C ASP B 135 11.00 8.77 2.45
N GLY B 136 11.29 8.43 3.71
CA GLY B 136 10.52 8.91 4.84
C GLY B 136 9.46 7.97 5.37
N ALA B 137 9.28 6.80 4.77
CA ALA B 137 8.37 5.81 5.31
C ALA B 137 8.88 5.27 6.64
N LYS B 138 7.92 4.93 7.52
CA LYS B 138 8.18 4.46 8.87
C LYS B 138 7.48 3.13 9.12
N ALA B 139 8.03 2.38 10.08
CA ALA B 139 7.36 1.20 10.62
C ALA B 139 7.78 1.07 12.07
N THR B 140 6.90 0.45 12.87
CA THR B 140 7.14 0.24 14.28
C THR B 140 6.86 -1.21 14.63
N LEU B 141 7.80 -1.85 15.29
CA LEU B 141 7.66 -3.21 15.78
C LEU B 141 7.62 -3.17 17.31
N ARG B 142 6.65 -3.85 17.92
CA ARG B 142 6.53 -3.96 19.37
C ARG B 142 6.38 -5.44 19.76
N TYR B 143 7.25 -5.90 20.66
CA TYR B 143 7.20 -7.30 21.07
C TYR B 143 7.06 -7.50 22.58
N ASP B 144 6.86 -6.42 23.35
CA ASP B 144 6.61 -6.44 24.79
C ASP B 144 5.20 -5.94 25.12
N PRO B 145 4.55 -6.48 26.18
CA PRO B 145 3.10 -6.40 26.43
C PRO B 145 2.22 -6.15 25.22
N LYS B 148 2.09 -11.81 20.67
CA LYS B 148 3.50 -12.07 20.40
C LYS B 148 4.20 -10.84 19.86
N THR B 149 3.70 -10.27 18.78
CA THR B 149 4.35 -9.11 18.17
C THR B 149 3.32 -8.32 17.39
N GLU B 150 3.56 -7.02 17.26
CA GLU B 150 2.74 -6.19 16.40
C GLU B 150 3.64 -5.23 15.61
N VAL B 151 3.31 -5.04 14.33
CA VAL B 151 4.01 -4.12 13.43
C VAL B 151 2.99 -3.18 12.85
N GLU B 152 3.26 -1.89 12.96
CA GLU B 152 2.47 -0.83 12.35
C GLU B 152 3.30 -0.28 11.21
N LEU B 153 2.73 -0.27 10.00
CA LEU B 153 3.45 0.20 8.83
C LEU B 153 2.89 1.54 8.38
N ASP B 154 3.75 2.56 8.35
CA ASP B 154 3.42 3.80 7.66
C ASP B 154 3.48 3.59 6.15
N GLU B 155 4.53 2.90 5.69
CA GLU B 155 4.58 2.35 4.34
C GLU B 155 5.46 1.10 4.38
N SER B 156 5.24 0.21 3.40
CA SER B 156 5.99 -1.05 3.30
C SER B 156 6.91 -0.99 2.07
N ARG B 157 8.17 -0.66 2.30
CA ARG B 157 9.20 -0.77 1.28
CA ARG B 157 9.19 -0.77 1.28
C ARG B 157 9.94 -2.09 1.44
N LEU B 158 10.68 -2.45 0.39
CA LEU B 158 11.51 -3.64 0.48
C LEU B 158 12.55 -3.49 1.60
N GLU B 159 13.12 -2.29 1.76
CA GLU B 159 14.20 -2.19 2.73
C GLU B 159 13.66 -2.27 4.16
N ILE B 160 12.48 -1.72 4.40
CA ILE B 160 11.83 -1.83 5.71
C ILE B 160 11.55 -3.30 6.05
N THR B 161 11.05 -4.05 5.08
CA THR B 161 10.76 -5.47 5.31
C THR B 161 12.05 -6.24 5.56
N ALA B 162 13.12 -5.94 4.82
CA ALA B 162 14.40 -6.61 5.09
C ALA B 162 14.83 -6.36 6.53
N LEU B 163 14.67 -5.12 7.01
CA LEU B 163 15.02 -4.80 8.39
C LEU B 163 14.15 -5.55 9.41
N LEU B 164 12.84 -5.60 9.19
CA LEU B 164 11.98 -6.38 10.10
C LEU B 164 12.35 -7.86 10.10
N LEU B 165 12.67 -8.42 8.94
CA LEU B 165 13.05 -9.83 8.92
C LEU B 165 14.32 -10.08 9.72
N LEU B 166 15.31 -9.20 9.56
CA LEU B 166 16.56 -9.35 10.30
C LEU B 166 16.34 -9.19 11.81
N ILE B 167 15.52 -8.21 12.20
CA ILE B 167 15.16 -8.04 13.61
C ILE B 167 14.48 -9.31 14.15
N ALA B 168 13.52 -9.86 13.39
CA ALA B 168 12.81 -11.03 13.89
C ALA B 168 13.76 -12.20 14.06
N LEU B 169 14.63 -12.42 13.09
CA LEU B 169 15.58 -13.53 13.16
C LEU B 169 16.53 -13.35 14.34
N ARG B 170 16.89 -12.11 14.68
CA ARG B 170 17.82 -11.94 15.78
C ARG B 170 17.14 -11.97 17.14
N LEU B 171 15.87 -11.55 17.22
CA LEU B 171 15.14 -11.66 18.48
C LEU B 171 14.79 -13.11 18.80
N GLY B 172 14.54 -13.92 17.78
CA GLY B 172 14.27 -15.32 18.04
C GLY B 172 13.02 -15.46 18.90
N SER B 173 13.14 -16.18 20.01
CA SER B 173 11.97 -16.48 20.82
C SER B 173 11.61 -15.33 21.76
N LEU B 174 12.38 -14.24 21.76
CA LEU B 174 11.94 -13.06 22.51
C LEU B 174 10.60 -12.53 22.02
N GLU B 175 10.12 -12.98 20.86
CA GLU B 175 8.82 -12.56 20.35
C GLU B 175 7.79 -13.69 20.34
N SER B 176 8.06 -14.80 21.02
CA SER B 176 7.11 -15.91 21.00
C SER B 176 5.82 -15.54 21.73
N SER B 177 5.89 -14.62 22.68
CA SER B 177 4.80 -14.29 23.60
C SER B 177 3.49 -13.95 22.89
#